data_6U8H
#
_entry.id   6U8H
#
_cell.length_a   89.587
_cell.length_b   89.587
_cell.length_c   71.592
_cell.angle_alpha   90.000
_cell.angle_beta   90.000
_cell.angle_gamma   90.000
#
_symmetry.space_group_name_H-M   'P 41 21 2'
#
loop_
_entity.id
_entity.type
_entity.pdbx_description
1 polymer 'Bromodomain-containing protein 2'
2 polymer 'cyclic peptide 3.2_2'
3 non-polymer 'IODIDE ION'
4 non-polymer GLYCEROL
5 non-polymer 'AMINO GROUP'
6 non-polymer 3,6,9,12,15,18,21,24,27,30,33,36,39-TRIDECAOXAHENTETRACONTANE-1,41-DIOL
7 water water
#
loop_
_entity_poly.entity_id
_entity_poly.type
_entity_poly.pdbx_seq_one_letter_code
_entity_poly.pdbx_strand_id
1 'polypeptide(L)'
;QGPLGSEVSNPKKPGRVTNQLQYLHKVVMKALWKHQFAWPFRQPVDAVKLGLPDYHKIIKQPMDMGTIKRRLENNYYWAA
SECMQDFNTMFTNCYIYNKPTDDIVLMAQTLEKIFLQKVASMPQEEQELVVTIPKN
;
A
2 'polypeptide(L)' (ACE)WSWLCK(ALY)YNLIH C
#
loop_
_chem_comp.id
_chem_comp.type
_chem_comp.name
_chem_comp.formula
ACE non-polymer 'ACETYL GROUP' 'C2 H4 O'
GOL non-polymer GLYCEROL 'C3 H8 O3'
IOD non-polymer 'IODIDE ION' 'I -1'
NH2 non-polymer 'AMINO GROUP' 'H2 N'
PE3 non-polymer 3,6,9,12,15,18,21,24,27,30,33,36,39-TRIDECAOXAHENTETRACONTANE-1,41-DIOL 'C28 H58 O15'
#
# COMPACT_ATOMS: atom_id res chain seq x y z
N GLY A 5 -9.45 11.29 -1.87
CA GLY A 5 -8.36 10.70 -1.13
C GLY A 5 -8.79 9.96 0.13
N SER A 6 -8.12 8.85 0.42
CA SER A 6 -8.45 8.05 1.59
C SER A 6 -7.97 8.72 2.86
N GLU A 7 -8.74 8.59 3.92
CA GLU A 7 -8.38 9.20 5.20
C GLU A 7 -7.23 8.45 5.86
N VAL A 8 -6.37 9.20 6.54
CA VAL A 8 -5.23 8.63 7.26
C VAL A 8 -5.32 8.87 8.76
N SER A 9 -6.36 9.56 9.23
CA SER A 9 -6.53 9.83 10.65
C SER A 9 -8.01 10.05 10.93
N ASN A 10 -8.50 9.46 12.01
CA ASN A 10 -9.90 9.59 12.40
C ASN A 10 -10.05 9.34 13.89
N PRO A 11 -10.33 10.36 14.69
CA PRO A 11 -10.50 10.15 16.13
C PRO A 11 -11.69 9.27 16.48
N LYS A 12 -12.67 9.15 15.60
CA LYS A 12 -13.83 8.31 15.85
C LYS A 12 -13.60 6.84 15.52
N LYS A 13 -12.45 6.51 14.91
CA LYS A 13 -12.15 5.11 14.59
C LYS A 13 -11.17 4.54 15.59
N PRO A 14 -11.49 3.40 16.21
CA PRO A 14 -10.54 2.77 17.13
C PRO A 14 -9.23 2.42 16.45
N GLY A 15 -8.14 2.91 17.02
CA GLY A 15 -6.82 2.60 16.53
C GLY A 15 -5.84 2.50 17.69
N ARG A 16 -4.74 1.81 17.43
CA ARG A 16 -3.79 1.49 18.48
C ARG A 16 -2.48 1.02 17.84
N VAL A 17 -1.52 0.67 18.70
CA VAL A 17 -0.28 0.04 18.30
C VAL A 17 -0.30 -1.39 18.82
N THR A 18 0.05 -2.34 17.96
CA THR A 18 0.26 -3.73 18.37
C THR A 18 1.67 -4.15 17.96
N ASN A 19 2.11 -5.28 18.52
CA ASN A 19 3.43 -5.81 18.15
C ASN A 19 3.50 -6.12 16.67
N GLN A 20 2.39 -6.54 16.07
CA GLN A 20 2.37 -6.83 14.64
C GLN A 20 2.32 -5.56 13.80
N LEU A 21 1.50 -4.58 14.20
CA LEU A 21 1.47 -3.31 13.49
C LEU A 21 2.81 -2.60 13.57
N GLN A 22 3.48 -2.70 14.72
CA GLN A 22 4.81 -2.11 14.85
C GLN A 22 5.81 -2.82 13.94
N TYR A 23 5.66 -4.13 13.76
CA TYR A 23 6.54 -4.87 12.86
C TYR A 23 6.29 -4.47 11.41
N LEU A 24 5.03 -4.32 11.03
CA LEU A 24 4.72 -3.87 9.66
C LEU A 24 5.25 -2.48 9.40
N HIS A 25 5.28 -1.63 10.43
CA HIS A 25 5.73 -0.25 10.26
C HIS A 25 7.26 -0.18 10.20
N LYS A 26 7.93 -0.68 11.23
CA LYS A 26 9.37 -0.48 11.36
C LYS A 26 10.21 -1.49 10.59
N VAL A 27 9.63 -2.59 10.12
CA VAL A 27 10.40 -3.60 9.40
C VAL A 27 9.88 -3.75 7.97
N VAL A 28 8.59 -4.07 7.83
CA VAL A 28 8.06 -4.40 6.51
C VAL A 28 7.95 -3.13 5.64
N MET A 29 7.23 -2.12 6.13
CA MET A 29 7.04 -0.91 5.34
C MET A 29 8.38 -0.22 5.07
N LYS A 30 9.29 -0.23 6.04
CA LYS A 30 10.59 0.39 5.86
C LYS A 30 11.36 -0.24 4.71
N ALA A 31 11.20 -1.55 4.51
CA ALA A 31 11.90 -2.23 3.42
C ALA A 31 11.19 -2.04 2.08
N LEU A 32 9.85 -2.11 2.08
CA LEU A 32 9.11 -1.97 0.84
C LEU A 32 9.15 -0.56 0.30
N TRP A 33 9.15 0.44 1.19
CA TRP A 33 9.11 1.84 0.75
C TRP A 33 10.36 2.20 -0.04
N LYS A 34 11.52 1.66 0.35
CA LYS A 34 12.77 1.98 -0.31
C LYS A 34 13.07 1.08 -1.50
N HIS A 35 12.23 0.07 -1.75
CA HIS A 35 12.52 -0.88 -2.81
C HIS A 35 12.42 -0.21 -4.19
N GLN A 36 13.27 -0.67 -5.11
CA GLN A 36 13.31 -0.10 -6.45
C GLN A 36 11.93 -0.14 -7.13
N PHE A 37 11.22 -1.26 -6.98
CA PHE A 37 9.94 -1.47 -7.65
C PHE A 37 8.79 -0.67 -7.06
N ALA A 38 9.01 0.02 -5.94
CA ALA A 38 7.90 0.68 -5.26
C ALA A 38 7.51 2.01 -5.89
N TRP A 39 8.31 2.56 -6.80
CA TRP A 39 8.06 3.92 -7.26
C TRP A 39 6.67 4.15 -7.87
N PRO A 40 6.07 3.22 -8.63
CA PRO A 40 4.71 3.50 -9.13
C PRO A 40 3.64 3.50 -8.04
N PHE A 41 3.96 3.04 -6.84
CA PHE A 41 2.97 2.84 -5.78
C PHE A 41 3.15 3.77 -4.59
N ARG A 42 4.08 4.73 -4.67
CA ARG A 42 4.37 5.56 -3.50
C ARG A 42 3.39 6.71 -3.31
N GLN A 43 2.52 6.98 -4.29
CA GLN A 43 1.52 8.03 -4.15
C GLN A 43 0.28 7.61 -4.93
N PRO A 44 -0.86 8.25 -4.68
CA PRO A 44 -2.09 7.83 -5.36
C PRO A 44 -2.01 8.00 -6.87
N VAL A 45 -2.77 7.18 -7.58
CA VAL A 45 -2.90 7.29 -9.03
C VAL A 45 -3.73 8.52 -9.35
N ASP A 46 -3.19 9.43 -10.16
CA ASP A 46 -3.88 10.65 -10.56
C ASP A 46 -4.50 10.42 -11.93
N ALA A 47 -5.80 10.10 -11.94
CA ALA A 47 -6.48 9.77 -13.19
C ALA A 47 -6.52 10.94 -14.15
N VAL A 48 -6.58 12.17 -13.63
CA VAL A 48 -6.62 13.34 -14.50
C VAL A 48 -5.28 13.54 -15.20
N LYS A 49 -4.20 13.55 -14.42
CA LYS A 49 -2.88 13.78 -15.00
C LYS A 49 -2.48 12.64 -15.93
N LEU A 50 -2.83 11.40 -15.57
CA LEU A 50 -2.44 10.24 -16.34
C LEU A 50 -3.39 9.92 -17.48
N GLY A 51 -4.52 10.62 -17.59
CA GLY A 51 -5.46 10.37 -18.65
C GLY A 51 -6.16 9.03 -18.54
N LEU A 52 -6.74 8.76 -17.37
CA LEU A 52 -7.44 7.51 -17.09
C LEU A 52 -8.90 7.85 -16.78
N PRO A 53 -9.72 8.07 -17.82
CA PRO A 53 -11.10 8.54 -17.57
C PRO A 53 -11.99 7.51 -16.90
N ASP A 54 -11.60 6.23 -16.89
CA ASP A 54 -12.43 5.18 -16.29
C ASP A 54 -11.75 4.50 -15.10
N TYR A 55 -10.69 5.09 -14.56
CA TYR A 55 -9.98 4.46 -13.45
C TYR A 55 -10.87 4.38 -12.21
N HIS A 56 -11.50 5.48 -11.84
CA HIS A 56 -12.31 5.52 -10.63
C HIS A 56 -13.67 4.85 -10.81
N LYS A 57 -14.03 4.46 -12.03
CA LYS A 57 -15.19 3.61 -12.24
C LYS A 57 -14.85 2.14 -12.09
N ILE A 58 -13.63 1.75 -12.44
CA ILE A 58 -13.19 0.37 -12.29
C ILE A 58 -12.64 0.10 -10.89
N ILE A 59 -11.90 1.06 -10.33
CA ILE A 59 -11.27 0.91 -9.03
C ILE A 59 -12.15 1.63 -8.00
N LYS A 60 -12.75 0.86 -7.09
CA LYS A 60 -13.69 1.43 -6.13
C LYS A 60 -12.99 2.01 -4.91
N GLN A 61 -11.83 1.48 -4.54
CA GLN A 61 -11.07 1.96 -3.39
C GLN A 61 -9.61 2.11 -3.78
N PRO A 62 -9.19 3.30 -4.20
CA PRO A 62 -7.77 3.52 -4.49
C PRO A 62 -6.93 3.42 -3.22
N MET A 63 -5.70 2.93 -3.40
CA MET A 63 -4.80 2.73 -2.28
C MET A 63 -3.37 2.80 -2.78
N ASP A 64 -2.48 3.33 -1.95
CA ASP A 64 -1.07 3.47 -2.29
C ASP A 64 -0.24 3.32 -1.02
N MET A 65 1.06 3.12 -1.22
CA MET A 65 1.96 2.93 -0.07
C MET A 65 2.06 4.17 0.79
N GLY A 66 1.95 5.36 0.20
CA GLY A 66 2.01 6.58 1.00
C GLY A 66 0.85 6.70 1.96
N THR A 67 -0.35 6.30 1.53
CA THR A 67 -1.49 6.30 2.42
C THR A 67 -1.33 5.26 3.53
N ILE A 68 -0.84 4.07 3.19
CA ILE A 68 -0.60 3.05 4.19
C ILE A 68 0.47 3.51 5.18
N LYS A 69 1.54 4.12 4.67
CA LYS A 69 2.60 4.61 5.54
C LYS A 69 2.08 5.65 6.51
N ARG A 70 1.23 6.57 6.05
CA ARG A 70 0.67 7.58 6.94
C ARG A 70 -0.31 6.96 7.94
N ARG A 71 -1.05 5.93 7.54
CA ARG A 71 -1.96 5.27 8.48
C ARG A 71 -1.19 4.56 9.58
N LEU A 72 -0.05 3.97 9.24
CA LEU A 72 0.80 3.34 10.26
C LEU A 72 1.39 4.40 11.19
N GLU A 73 1.77 5.56 10.65
CA GLU A 73 2.37 6.61 11.47
C GLU A 73 1.34 7.24 12.41
N ASN A 74 0.07 7.25 12.03
CA ASN A 74 -0.98 7.90 12.81
C ASN A 74 -1.73 6.92 13.72
N ASN A 75 -1.29 5.67 13.80
CA ASN A 75 -1.98 4.64 14.57
C ASN A 75 -3.44 4.53 14.15
N TYR A 76 -3.66 4.55 12.83
CA TYR A 76 -5.01 4.50 12.29
C TYR A 76 -5.61 3.11 12.40
N TYR A 77 -4.80 2.08 12.28
CA TYR A 77 -5.29 0.71 12.28
C TYR A 77 -5.52 0.20 13.69
N TRP A 78 -6.49 -0.72 13.81
CA TRP A 78 -6.69 -1.45 15.06
C TRP A 78 -5.94 -2.77 15.08
N ALA A 79 -5.79 -3.42 13.93
CA ALA A 79 -5.14 -4.72 13.86
C ALA A 79 -4.30 -4.79 12.60
N ALA A 80 -3.30 -5.67 12.62
CA ALA A 80 -2.43 -5.84 11.47
C ALA A 80 -3.19 -6.31 10.23
N SER A 81 -4.31 -7.02 10.44
CA SER A 81 -5.10 -7.49 9.30
C SER A 81 -5.63 -6.32 8.47
N GLU A 82 -5.92 -5.18 9.10
CA GLU A 82 -6.36 -4.01 8.35
C GLU A 82 -5.26 -3.50 7.43
N CYS A 83 -4.02 -3.46 7.92
CA CYS A 83 -2.91 -3.05 7.09
C CYS A 83 -2.67 -4.04 5.95
N MET A 84 -2.82 -5.33 6.23
CA MET A 84 -2.70 -6.33 5.18
C MET A 84 -3.76 -6.15 4.12
N GLN A 85 -4.98 -5.75 4.52
CA GLN A 85 -6.04 -5.52 3.55
C GLN A 85 -5.72 -4.36 2.62
N ASP A 86 -5.13 -3.29 3.17
CA ASP A 86 -4.77 -2.14 2.34
C ASP A 86 -3.70 -2.51 1.33
N PHE A 87 -2.71 -3.30 1.74
CA PHE A 87 -1.70 -3.78 0.78
C PHE A 87 -2.36 -4.65 -0.29
N ASN A 88 -3.24 -5.57 0.13
CA ASN A 88 -3.94 -6.42 -0.84
C ASN A 88 -4.77 -5.57 -1.81
N THR A 89 -5.40 -4.52 -1.30
CA THR A 89 -6.18 -3.63 -2.16
C THR A 89 -5.28 -2.90 -3.16
N MET A 90 -4.12 -2.44 -2.71
CA MET A 90 -3.20 -1.74 -3.60
C MET A 90 -2.73 -2.65 -4.73
N PHE A 91 -2.35 -3.89 -4.39
CA PHE A 91 -1.88 -4.82 -5.41
C PHE A 91 -3.01 -5.24 -6.33
N THR A 92 -4.18 -5.56 -5.79
CA THR A 92 -5.28 -6.04 -6.62
C THR A 92 -5.83 -4.94 -7.52
N ASN A 93 -5.81 -3.68 -7.06
CA ASN A 93 -6.19 -2.57 -7.94
C ASN A 93 -5.36 -2.58 -9.22
N CYS A 94 -4.05 -2.80 -9.08
CA CYS A 94 -3.18 -2.86 -10.24
C CYS A 94 -3.51 -4.07 -11.13
N TYR A 95 -3.83 -5.21 -10.50
CA TYR A 95 -4.20 -6.39 -11.27
C TYR A 95 -5.51 -6.17 -12.03
N ILE A 96 -6.45 -5.43 -11.44
CA ILE A 96 -7.75 -5.23 -12.06
C ILE A 96 -7.64 -4.28 -13.25
N TYR A 97 -7.02 -3.12 -13.05
CA TYR A 97 -7.05 -2.07 -14.08
C TYR A 97 -6.14 -2.42 -15.26
N ASN A 98 -4.99 -3.03 -14.99
CA ASN A 98 -4.03 -3.32 -16.04
C ASN A 98 -4.16 -4.76 -16.52
N LYS A 99 -3.59 -5.03 -17.69
CA LYS A 99 -3.62 -6.34 -18.30
C LYS A 99 -2.62 -7.27 -17.62
N PRO A 100 -2.88 -8.59 -17.60
CA PRO A 100 -1.97 -9.52 -16.93
C PRO A 100 -0.56 -9.51 -17.48
N THR A 101 -0.36 -9.06 -18.72
CA THR A 101 0.95 -9.03 -19.34
C THR A 101 1.67 -7.70 -19.17
N ASP A 102 1.02 -6.69 -18.59
CA ASP A 102 1.66 -5.40 -18.42
C ASP A 102 2.81 -5.48 -17.41
N ASP A 103 3.85 -4.69 -17.67
CA ASP A 103 5.01 -4.68 -16.78
C ASP A 103 4.64 -4.26 -15.37
N ILE A 104 3.70 -3.33 -15.22
CA ILE A 104 3.36 -2.83 -13.90
C ILE A 104 2.69 -3.92 -13.06
N VAL A 105 2.01 -4.87 -13.71
CA VAL A 105 1.41 -5.98 -12.98
C VAL A 105 2.50 -6.88 -12.41
N LEU A 106 3.56 -7.12 -13.18
CA LEU A 106 4.67 -7.92 -12.67
C LEU A 106 5.42 -7.19 -11.58
N MET A 107 5.52 -5.86 -11.66
CA MET A 107 6.11 -5.10 -10.56
C MET A 107 5.31 -5.27 -9.28
N ALA A 108 3.98 -5.22 -9.38
CA ALA A 108 3.15 -5.40 -8.20
C ALA A 108 3.25 -6.83 -7.67
N GLN A 109 3.28 -7.82 -8.56
CA GLN A 109 3.41 -9.21 -8.12
C GLN A 109 4.73 -9.45 -7.40
N THR A 110 5.81 -8.81 -7.88
CA THR A 110 7.10 -8.97 -7.22
C THR A 110 7.12 -8.31 -5.86
N LEU A 111 6.56 -7.09 -5.76
CA LEU A 111 6.46 -6.42 -4.47
C LEU A 111 5.58 -7.20 -3.51
N GLU A 112 4.50 -7.80 -4.03
CA GLU A 112 3.62 -8.58 -3.17
C GLU A 112 4.34 -9.80 -2.62
N LYS A 113 5.21 -10.42 -3.42
CA LYS A 113 5.95 -11.58 -2.93
C LYS A 113 6.93 -11.18 -1.83
N ILE A 114 7.62 -10.06 -1.99
CA ILE A 114 8.49 -9.55 -0.92
C ILE A 114 7.67 -9.28 0.33
N PHE A 115 6.52 -8.62 0.17
CA PHE A 115 5.66 -8.28 1.29
C PHE A 115 5.25 -9.53 2.06
N LEU A 116 4.81 -10.57 1.35
CA LEU A 116 4.37 -11.78 2.03
C LEU A 116 5.51 -12.53 2.69
N GLN A 117 6.71 -12.48 2.10
CA GLN A 117 7.87 -13.13 2.73
C GLN A 117 8.23 -12.44 4.03
N LYS A 118 8.23 -11.10 4.04
CA LYS A 118 8.56 -10.36 5.26
C LYS A 118 7.49 -10.55 6.34
N VAL A 119 6.22 -10.63 5.94
CA VAL A 119 5.15 -10.86 6.89
C VAL A 119 5.25 -12.25 7.53
N ALA A 120 5.90 -13.20 6.86
CA ALA A 120 6.04 -14.54 7.43
C ALA A 120 6.85 -14.53 8.73
N SER A 121 7.70 -13.53 8.94
CA SER A 121 8.49 -13.41 10.15
C SER A 121 7.84 -12.49 11.18
N MET A 122 6.59 -12.10 10.96
CA MET A 122 5.87 -11.26 11.90
C MET A 122 5.53 -12.05 13.17
N PRO A 123 5.50 -11.39 14.32
CA PRO A 123 5.01 -12.05 15.54
C PRO A 123 3.63 -12.65 15.31
N GLN A 124 3.47 -13.92 15.72
CA GLN A 124 2.27 -14.65 15.39
C GLN A 124 1.08 -14.35 16.31
N GLU A 125 1.35 -13.89 17.53
CA GLU A 125 0.30 -13.54 18.48
C GLU A 125 0.26 -12.02 18.62
N GLU A 126 -0.86 -11.41 18.23
CA GLU A 126 -0.98 -9.96 18.26
C GLU A 126 -1.25 -9.49 19.69
N GLN A 127 -0.51 -8.48 20.12
CA GLN A 127 -0.60 -7.94 21.47
C GLN A 127 -0.51 -6.43 21.42
N GLU A 128 -1.47 -5.75 22.03
CA GLU A 128 -1.48 -4.29 22.03
C GLU A 128 -0.30 -3.76 22.86
N LEU A 129 0.34 -2.71 22.35
CA LEU A 129 1.43 -2.04 23.03
C LEU A 129 0.97 -0.64 23.45
N VAL A 130 1.15 -0.31 24.72
CA VAL A 130 0.76 0.99 25.23
C VAL A 130 1.92 1.80 25.79
N VAL A 131 3.06 1.18 26.09
CA VAL A 131 4.19 1.91 26.66
C VAL A 131 4.81 2.79 25.58
N THR A 132 5.08 4.04 25.92
CA THR A 132 5.69 4.97 24.98
C THR A 132 7.09 5.37 25.44
C ACE B 1 10.89 10.36 -18.70
O ACE B 1 11.57 9.40 -18.37
CH3 ACE B 1 9.72 10.24 -19.64
N TRP B 2 11.14 11.59 -18.25
CA TRP B 2 12.23 11.87 -17.33
C TRP B 2 11.75 11.89 -15.89
N SER B 3 10.60 12.51 -15.68
CA SER B 3 10.04 12.69 -14.35
C SER B 3 9.28 11.45 -13.90
N TRP B 4 8.85 11.46 -12.64
CA TRP B 4 8.00 10.40 -12.12
C TRP B 4 6.70 10.30 -12.93
N LEU B 5 6.08 11.44 -13.21
CA LEU B 5 4.82 11.44 -13.94
C LEU B 5 5.01 10.92 -15.36
N CYS B 6 6.12 11.30 -16.02
CA CYS B 6 6.39 10.82 -17.37
C CYS B 6 6.56 9.30 -17.39
N LYS B 7 7.29 8.75 -16.42
CA LYS B 7 7.54 7.32 -16.40
C LYS B 7 6.32 6.52 -15.94
OH ALY B 8 -0.73 2.75 -11.75
CH ALY B 8 0.10 2.89 -10.83
CH3 ALY B 8 0.19 1.89 -9.70
NZ ALY B 8 0.98 3.96 -10.81
CE ALY B 8 0.99 4.98 -11.82
CD ALY B 8 2.40 5.44 -12.23
CG ALY B 8 2.26 6.67 -13.10
CB ALY B 8 3.62 7.25 -13.45
CA ALY B 8 4.31 6.49 -14.59
N ALY B 8 5.53 7.12 -15.06
C ALY B 8 3.34 6.35 -15.75
O ALY B 8 2.65 5.35 -15.96
N TYR B 9 3.30 7.40 -16.56
CA TYR B 9 2.43 7.45 -17.73
C TYR B 9 2.81 6.38 -18.77
N ASN B 10 4.11 6.33 -19.11
CA ASN B 10 4.56 5.35 -20.09
C ASN B 10 4.42 3.92 -19.56
N LEU B 11 4.50 3.74 -18.24
CA LEU B 11 4.37 2.40 -17.67
C LEU B 11 2.93 1.93 -17.67
N ILE B 12 2.01 2.76 -17.19
CA ILE B 12 0.62 2.33 -17.04
C ILE B 12 -0.09 2.22 -18.39
N HIS B 13 0.46 2.82 -19.43
CA HIS B 13 -0.13 2.73 -20.76
C HIS B 13 0.62 1.73 -21.63
I IOD C . 12.20 -0.22 -12.32
I IOD D . 9.59 -4.39 15.49
I IOD E . 8.96 3.87 6.24
C1 GOL F . 13.15 3.86 -6.45
O1 GOL F . 11.92 3.24 -6.58
C2 GOL F . 13.12 5.14 -7.30
O2 GOL F . 12.49 6.19 -6.65
C3 GOL F . 14.59 5.44 -7.63
O3 GOL F . 14.59 5.98 -8.91
C1 GOL G . -0.52 12.71 -6.29
O1 GOL G . -0.75 11.51 -6.94
C2 GOL G . 0.04 13.70 -7.33
O2 GOL G . -0.84 13.91 -8.38
C3 GOL G . 0.30 15.00 -6.53
O3 GOL G . 0.84 15.93 -7.42
N NH2 H . 1.60 0.91 -20.99
I IOD I . 3.79 13.79 -9.83
I IOD J . 10.04 13.94 -10.47
I IOD K . 8.95 17.10 -11.47
O43 PE3 L . 7.13 10.26 -2.34
C42 PE3 L . 6.32 10.35 -3.47
C41 PE3 L . 7.27 10.33 -4.68
O40 PE3 L . 6.53 10.75 -5.80
C39 PE3 L . 7.37 11.29 -6.78
C38 PE3 L . 7.82 12.67 -6.30
O37 PE3 L . 8.53 13.29 -7.34
C36 PE3 L . 9.58 14.06 -6.84
C35 PE3 L . 10.88 13.24 -6.98
O34 PE3 L . 11.95 14.16 -6.94
C33 PE3 L . 13.16 13.50 -7.19
C32 PE3 L . 13.18 13.11 -8.67
O31 PE3 L . 14.20 12.14 -8.85
C30 PE3 L . 14.16 11.64 -10.17
C29 PE3 L . 12.95 10.71 -10.25
O28 PE3 L . 12.94 10.15 -11.54
C27 PE3 L . 11.77 9.38 -11.75
C26 PE3 L . 11.94 8.04 -11.05
O25 PE3 L . 11.91 7.04 -12.03
C24 PE3 L . 12.33 5.80 -11.52
C23 PE3 L . 12.16 4.75 -12.62
O22 PE3 L . 13.41 4.58 -13.26
C21 PE3 L . 13.22 3.98 -14.53
C20 PE3 L . 14.58 3.57 -15.07
O19 PE3 L . 15.32 4.73 -15.33
C18 PE3 L . 15.54 4.88 -16.71
C17 PE3 L . 16.71 5.86 -16.88
O16 PE3 L . 16.16 7.14 -17.12
C15 PE3 L . 15.71 7.25 -18.44
C14 PE3 L . 15.80 8.73 -18.84
O13 PE3 L . 14.96 8.92 -19.97
C12 PE3 L . 15.45 8.21 -21.08
C11 PE3 L . 16.55 9.06 -21.75
O10 PE3 L . 16.77 8.50 -23.03
C9 PE3 L . 18.13 8.62 -23.38
C8 PE3 L . 18.76 7.23 -23.16
O7 PE3 L . 20.14 7.35 -23.37
C6 PE3 L . 20.87 6.47 -22.55
C5 PE3 L . 20.55 5.04 -22.97
O4 PE3 L . 21.12 4.16 -22.04
C3 PE3 L . 21.58 2.99 -22.66
C2 PE3 L . 20.36 2.13 -23.04
O1 PE3 L . 20.70 1.51 -24.24
#